data_5ACQ
#
_entry.id   5ACQ
#
_cell.length_a   38.549
_cell.length_b   131.796
_cell.length_c   40.581
_cell.angle_alpha   90.00
_cell.angle_beta   95.51
_cell.angle_gamma   90.00
#
_symmetry.space_group_name_H-M   'P 1 21 1'
#
loop_
_entity.id
_entity.type
_entity.pdbx_description
1 polymer BETA-LACTAMASE
2 non-polymer 'ZINC ION'
3 water water
#
_entity_poly.entity_id   1
_entity_poly.type   'polypeptide(L)'
_entity_poly.pdbx_seq_one_letter_code
;MKNVLVFLILLVALPALAQGHKPLEVIKIEDGVYLHTSFKNIEGYGLVDSNGLVVLDNNQAYIIDTPWSEEDTKLLLSWA
TDRGYQVMASISTHSHEDRTAGIKLLNSKSIPTYTSELTKKLLAREGKPVPTHYFKDDEFTLGNGLIELYYPGAGHTEDN
IVAWLPKSKILFGG(OCS)LVRSHEAEGLGYVGDASISSWADSIKNIVSKKYPIQMVVPGHGKVGSSDILDHTIDLAESA
SNKLMQPTAEASAD
;
_entity_poly.pdbx_strand_id   A,B
#
loop_
_chem_comp.id
_chem_comp.type
_chem_comp.name
_chem_comp.formula
ZN non-polymer 'ZINC ION' 'Zn 2'
#
# COMPACT_ATOMS: atom_id res chain seq x y z
N HIS A 21 6.12 6.62 8.28
CA HIS A 21 6.81 6.50 7.00
C HIS A 21 7.93 7.51 6.91
N LYS A 22 8.89 7.26 6.03
CA LYS A 22 9.97 8.19 5.84
C LYS A 22 9.45 9.43 5.11
N PRO A 23 10.09 10.58 5.35
CA PRO A 23 9.54 11.86 4.93
C PRO A 23 9.85 12.26 3.49
N LEU A 24 9.06 13.20 3.01
CA LEU A 24 9.22 13.81 1.70
C LEU A 24 10.67 14.07 1.27
N GLU A 25 11.02 13.63 0.05
CA GLU A 25 12.30 13.97 -0.56
C GLU A 25 12.10 14.88 -1.76
N VAL A 26 12.99 15.87 -1.90
CA VAL A 26 12.94 16.78 -3.04
C VAL A 26 14.34 16.85 -3.60
N ILE A 27 14.46 16.61 -4.92
CA ILE A 27 15.74 16.59 -5.59
C ILE A 27 15.63 17.30 -6.95
N LYS A 28 16.68 18.02 -7.28
CA LYS A 28 16.69 18.74 -8.52
C LYS A 28 16.89 17.76 -9.67
N ILE A 29 16.06 17.87 -10.72
CA ILE A 29 16.25 17.02 -11.90
C ILE A 29 16.52 17.81 -13.18
N GLU A 30 16.34 19.13 -13.13
CA GLU A 30 16.69 20.03 -14.22
C GLU A 30 16.72 21.44 -13.67
N ASP A 31 17.21 22.36 -14.47
CA ASP A 31 17.19 23.76 -14.10
C ASP A 31 15.73 24.13 -13.87
N GLY A 32 15.40 24.51 -12.65
CA GLY A 32 14.03 24.91 -12.33
C GLY A 32 13.01 23.79 -12.21
N VAL A 33 13.44 22.52 -12.18
CA VAL A 33 12.50 21.41 -12.00
C VAL A 33 12.99 20.46 -10.93
N TYR A 34 12.17 20.30 -9.90
CA TYR A 34 12.47 19.40 -8.80
C TYR A 34 11.48 18.27 -8.72
N LEU A 35 11.99 17.10 -8.42
CA LEU A 35 11.19 15.94 -8.20
C LEU A 35 10.88 15.84 -6.70
N HIS A 36 9.61 15.75 -6.31
CA HIS A 36 9.26 15.48 -4.94
C HIS A 36 8.70 14.09 -4.88
N THR A 37 9.16 13.34 -3.89
CA THR A 37 8.75 11.94 -3.73
C THR A 37 8.28 11.70 -2.30
N SER A 38 7.08 11.11 -2.16
CA SER A 38 6.51 10.73 -0.86
C SER A 38 6.49 9.21 -0.76
N PHE A 39 6.43 8.70 0.46
CA PHE A 39 6.45 7.26 0.65
C PHE A 39 5.33 6.75 1.58
N LYS A 40 4.82 5.56 1.25
CA LYS A 40 3.82 4.87 2.05
C LYS A 40 4.32 3.49 2.42
N ASN A 41 4.05 3.09 3.67
CA ASN A 41 4.28 1.73 4.13
C ASN A 41 3.13 0.81 3.74
N ILE A 42 3.43 -0.24 2.97
CA ILE A 42 2.41 -1.20 2.55
C ILE A 42 2.68 -2.52 3.23
N GLU A 43 1.90 -2.81 4.26
CA GLU A 43 2.11 -4.02 5.03
C GLU A 43 2.05 -5.24 4.11
N GLY A 44 3.04 -6.12 4.24
CA GLY A 44 3.13 -7.31 3.41
C GLY A 44 4.02 -7.14 2.18
N TYR A 45 4.21 -5.91 1.76
CA TYR A 45 4.77 -5.61 0.45
C TYR A 45 6.06 -4.79 0.55
N GLY A 46 6.02 -3.64 1.24
CA GLY A 46 7.20 -2.82 1.42
C GLY A 46 6.89 -1.34 1.34
N LEU A 47 7.86 -0.57 0.86
CA LEU A 47 7.72 0.86 0.74
C LEU A 47 7.39 1.21 -0.71
N VAL A 48 6.42 2.12 -0.89
CA VAL A 48 5.94 2.49 -2.22
C VAL A 48 6.11 4.00 -2.39
N ASP A 49 6.64 4.42 -3.53
CA ASP A 49 6.98 5.83 -3.68
C ASP A 49 5.93 6.45 -4.58
N SER A 50 5.75 7.75 -4.45
CA SER A 50 4.85 8.52 -5.30
C SER A 50 5.52 9.88 -5.67
N ASN A 51 5.53 10.20 -6.95
CA ASN A 51 6.20 11.38 -7.46
C ASN A 51 5.29 12.50 -7.90
N GLY A 52 5.78 13.73 -7.69
CA GLY A 52 5.25 14.90 -8.38
C GLY A 52 6.41 15.83 -8.69
N LEU A 53 6.09 17.04 -9.16
CA LEU A 53 7.12 17.98 -9.51
C LEU A 53 6.84 19.36 -8.87
N VAL A 54 7.91 20.10 -8.64
CA VAL A 54 7.88 21.54 -8.43
C VAL A 54 8.60 22.20 -9.60
N VAL A 55 7.95 23.19 -10.20
CA VAL A 55 8.53 23.88 -11.32
C VAL A 55 8.68 25.35 -10.95
N LEU A 56 9.89 25.88 -11.13
CA LEU A 56 10.24 27.23 -10.72
C LEU A 56 10.29 28.15 -11.95
N ASP A 57 9.88 29.39 -11.75
CA ASP A 57 9.92 30.42 -12.79
C ASP A 57 10.33 31.69 -12.06
N ASN A 58 11.58 32.06 -12.24
CA ASN A 58 12.23 33.01 -11.35
C ASN A 58 11.93 32.54 -9.92
N ASN A 59 11.27 33.34 -9.10
CA ASN A 59 10.97 32.90 -7.73
C ASN A 59 9.53 32.38 -7.55
N GLN A 60 8.81 32.17 -8.66
CA GLN A 60 7.48 31.58 -8.56
C GLN A 60 7.54 30.07 -8.64
N ALA A 61 6.77 29.36 -7.78
CA ALA A 61 6.77 27.89 -7.76
C ALA A 61 5.40 27.32 -8.11
N TYR A 62 5.36 26.24 -8.89
CA TYR A 62 4.14 25.59 -9.34
C TYR A 62 4.27 24.11 -9.01
N ILE A 63 3.24 23.55 -8.38
CA ILE A 63 3.31 22.17 -7.90
C ILE A 63 2.49 21.28 -8.84
N ILE A 64 3.14 20.27 -9.41
CA ILE A 64 2.47 19.30 -10.24
C ILE A 64 2.33 18.05 -9.40
N ASP A 65 1.08 17.83 -9.02
CA ASP A 65 0.59 16.86 -8.08
C ASP A 65 1.13 17.16 -6.68
N THR A 66 0.21 17.07 -5.73
CA THR A 66 0.61 17.23 -4.36
C THR A 66 1.24 15.94 -3.88
N PRO A 67 2.00 16.01 -2.80
CA PRO A 67 2.34 14.77 -2.13
C PRO A 67 1.12 13.98 -1.64
N TRP A 68 1.39 12.77 -1.20
CA TRP A 68 0.41 11.74 -0.96
C TRP A 68 -0.37 11.93 0.36
N SER A 69 0.13 12.81 1.21
CA SER A 69 -0.45 13.08 2.50
C SER A 69 -0.45 14.56 2.77
N GLU A 70 -1.31 14.99 3.69
CA GLU A 70 -1.33 16.38 4.08
C GLU A 70 0.00 16.81 4.71
N GLU A 71 0.62 15.93 5.49
CA GLU A 71 1.83 16.31 6.23
C GLU A 71 3.05 16.43 5.32
N ASP A 72 3.13 15.59 4.29
CA ASP A 72 4.20 15.74 3.31
C ASP A 72 3.93 16.92 2.39
N THR A 73 2.68 17.31 2.24
CA THR A 73 2.38 18.54 1.51
C THR A 73 2.92 19.74 2.34
N LYS A 74 2.71 19.70 3.65
CA LYS A 74 3.19 20.76 4.52
C LYS A 74 4.72 20.89 4.34
N LEU A 75 5.40 19.75 4.30
CA LEU A 75 6.86 19.77 4.07
C LEU A 75 7.25 20.36 2.73
N LEU A 76 6.46 20.06 1.71
CA LEU A 76 6.71 20.65 0.40
C LEU A 76 6.52 22.15 0.39
N LEU A 77 5.48 22.64 1.05
CA LEU A 77 5.26 24.08 1.13
C LEU A 77 6.40 24.78 1.86
N SER A 78 6.85 24.14 2.93
CA SER A 78 7.98 24.67 3.71
C SER A 78 9.29 24.66 2.93
N TRP A 79 9.48 23.64 2.10
CA TRP A 79 10.62 23.57 1.19
C TRP A 79 10.62 24.83 0.34
N ALA A 80 9.46 25.13 -0.24
CA ALA A 80 9.40 26.27 -1.13
C ALA A 80 9.55 27.57 -0.38
N THR A 81 8.88 27.73 0.75
CA THR A 81 8.85 29.04 1.38
C THR A 81 10.17 29.32 2.09
N ASP A 82 10.87 28.27 2.49
CA ASP A 82 12.18 28.45 3.16
C ASP A 82 13.23 28.93 2.13
N ARG A 83 12.94 28.65 0.85
CA ARG A 83 13.76 29.12 -0.25
C ARG A 83 13.31 30.49 -0.79
N GLY A 84 12.32 31.09 -0.15
CA GLY A 84 11.82 32.37 -0.60
C GLY A 84 10.92 32.28 -1.82
N TYR A 85 10.49 31.07 -2.16
CA TYR A 85 9.58 30.93 -3.28
C TYR A 85 8.13 31.25 -2.92
N GLN A 86 7.43 31.84 -3.86
CA GLN A 86 5.98 31.99 -3.75
C GLN A 86 5.30 30.85 -4.50
N VAL A 87 4.50 30.06 -3.79
CA VAL A 87 3.78 28.97 -4.42
C VAL A 87 2.54 29.54 -5.08
N MET A 88 2.50 29.53 -6.41
CA MET A 88 1.44 30.22 -7.17
C MET A 88 0.23 29.34 -7.41
N ALA A 89 0.47 28.05 -7.50
CA ALA A 89 -0.62 27.12 -7.91
C ALA A 89 -0.18 25.69 -7.78
N SER A 90 -1.15 24.80 -7.60
CA SER A 90 -0.93 23.37 -7.85
C SER A 90 -1.85 22.91 -8.98
N ILE A 91 -1.43 21.88 -9.70
CA ILE A 91 -2.33 21.19 -10.60
C ILE A 91 -2.31 19.72 -10.20
N SER A 92 -3.47 19.07 -10.12
CA SER A 92 -3.52 17.63 -9.86
C SER A 92 -3.95 16.86 -11.11
N THR A 93 -3.25 15.77 -11.41
CA THR A 93 -3.45 15.10 -12.67
C THR A 93 -4.58 14.03 -12.74
N HIS A 94 -5.22 13.68 -11.63
CA HIS A 94 -6.49 12.99 -11.63
C HIS A 94 -6.99 13.05 -10.21
N SER A 95 -8.19 12.53 -9.95
CA SER A 95 -8.88 12.73 -8.67
C SER A 95 -8.34 11.85 -7.53
N HIS A 96 -7.55 10.82 -7.85
CA HIS A 96 -7.01 9.96 -6.79
C HIS A 96 -6.09 10.71 -5.79
N GLU A 97 -6.04 10.13 -4.60
CA GLU A 97 -5.42 10.76 -3.44
C GLU A 97 -3.90 11.01 -3.53
N ASP A 98 -3.15 10.20 -4.27
CA ASP A 98 -1.71 10.45 -4.45
C ASP A 98 -1.45 11.68 -5.32
N ARG A 99 -2.48 12.16 -6.02
CA ARG A 99 -2.41 13.37 -6.81
C ARG A 99 -2.98 14.61 -6.08
N THR A 100 -3.87 14.39 -5.11
CA THR A 100 -4.75 15.48 -4.58
C THR A 100 -4.84 15.65 -3.08
N ALA A 101 -4.11 14.83 -2.31
CA ALA A 101 -4.22 14.86 -0.86
C ALA A 101 -4.01 16.27 -0.27
N GLY A 102 -3.17 17.05 -0.94
CA GLY A 102 -2.80 18.35 -0.50
C GLY A 102 -3.72 19.46 -0.92
N ILE A 103 -4.77 19.15 -1.69
CA ILE A 103 -5.66 20.20 -2.13
C ILE A 103 -6.32 20.88 -0.92
N LYS A 104 -6.73 20.09 0.08
CA LYS A 104 -7.31 20.69 1.30
C LYS A 104 -6.36 21.71 1.97
N LEU A 105 -5.10 21.33 2.16
CA LEU A 105 -4.15 22.21 2.78
C LEU A 105 -3.81 23.45 1.95
N LEU A 106 -3.61 23.28 0.63
CA LEU A 106 -3.32 24.43 -0.22
C LEU A 106 -4.52 25.38 -0.18
N ASN A 107 -5.72 24.84 -0.26
CA ASN A 107 -6.93 25.67 -0.18
C ASN A 107 -6.97 26.50 1.11
N SER A 108 -6.56 25.85 2.19
CA SER A 108 -6.56 26.49 3.48
C SER A 108 -5.52 27.62 3.62
N LYS A 109 -4.45 27.55 2.81
CA LYS A 109 -3.41 28.56 2.72
C LYS A 109 -3.74 29.60 1.64
N SER A 110 -4.92 29.49 1.05
CA SER A 110 -5.31 30.34 -0.09
C SER A 110 -4.35 30.26 -1.28
N ILE A 111 -3.80 29.08 -1.52
CA ILE A 111 -3.03 28.82 -2.72
C ILE A 111 -3.94 28.21 -3.79
N PRO A 112 -4.00 28.84 -4.97
CA PRO A 112 -4.85 28.31 -6.04
C PRO A 112 -4.54 26.87 -6.39
N THR A 113 -5.60 26.08 -6.47
CA THR A 113 -5.53 24.68 -6.76
C THR A 113 -6.35 24.46 -8.04
N TYR A 114 -5.77 23.64 -8.93
CA TYR A 114 -6.34 23.42 -10.24
C TYR A 114 -6.49 21.95 -10.52
N THR A 115 -7.57 21.57 -11.23
CA THR A 115 -7.66 20.26 -11.89
C THR A 115 -8.37 20.49 -13.23
N SER A 116 -8.55 19.45 -14.04
CA SER A 116 -9.56 19.56 -15.11
C SER A 116 -10.96 19.67 -14.52
N GLU A 117 -11.89 20.12 -15.36
CA GLU A 117 -13.30 20.13 -15.02
C GLU A 117 -13.73 18.75 -14.54
N LEU A 118 -13.38 17.71 -15.30
CA LEU A 118 -13.83 16.35 -14.96
C LEU A 118 -13.29 15.92 -13.62
N THR A 119 -11.99 16.14 -13.42
CA THR A 119 -11.42 15.80 -12.12
C THR A 119 -12.13 16.50 -10.96
N LYS A 120 -12.42 17.80 -11.10
CA LYS A 120 -13.08 18.57 -10.07
C LYS A 120 -14.45 17.96 -9.76
N LYS A 121 -15.20 17.63 -10.80
CA LYS A 121 -16.53 17.08 -10.61
C LYS A 121 -16.50 15.68 -10.00
N LEU A 122 -15.47 14.89 -10.29
CA LEU A 122 -15.34 13.57 -9.69
C LEU A 122 -15.08 13.71 -8.20
N LEU A 123 -14.15 14.59 -7.84
CA LEU A 123 -13.88 14.92 -6.44
C LEU A 123 -15.17 15.33 -5.72
N ALA A 124 -15.94 16.20 -6.34
CA ALA A 124 -17.18 16.71 -5.76
C ALA A 124 -18.19 15.59 -5.51
N ARG A 125 -18.33 14.73 -6.51
CA ARG A 125 -19.26 13.60 -6.41
C ARG A 125 -18.90 12.70 -5.26
N GLU A 126 -17.61 12.63 -4.96
CA GLU A 126 -17.11 11.72 -3.92
C GLU A 126 -17.00 12.41 -2.56
N GLY A 127 -17.37 13.68 -2.51
CA GLY A 127 -17.42 14.41 -1.26
C GLY A 127 -16.03 14.81 -0.81
N LYS A 128 -15.11 14.92 -1.77
CA LYS A 128 -13.73 15.29 -1.50
C LYS A 128 -13.48 16.79 -1.64
N PRO A 129 -12.43 17.31 -0.98
CA PRO A 129 -12.18 18.73 -1.19
C PRO A 129 -11.95 19.04 -2.66
N VAL A 130 -12.45 20.15 -3.16
CA VAL A 130 -12.34 20.45 -4.60
C VAL A 130 -11.34 21.57 -4.85
N PRO A 131 -10.71 21.56 -6.03
CA PRO A 131 -9.87 22.73 -6.35
C PRO A 131 -10.67 24.00 -6.48
N THR A 132 -10.01 25.13 -6.30
CA THR A 132 -10.66 26.42 -6.43
C THR A 132 -10.72 26.91 -7.88
N HIS A 133 -10.00 26.22 -8.74
CA HIS A 133 -9.96 26.52 -10.17
C HIS A 133 -9.98 25.24 -11.00
N TYR A 134 -10.48 25.34 -12.23
CA TYR A 134 -10.42 24.24 -13.18
C TYR A 134 -10.42 24.72 -14.60
N PHE A 135 -10.02 23.82 -15.50
CA PHE A 135 -9.98 24.13 -16.91
C PHE A 135 -10.90 23.20 -17.68
N LYS A 136 -11.44 23.73 -18.77
CA LYS A 136 -12.49 22.99 -19.45
C LYS A 136 -12.03 22.31 -20.74
N ASP A 137 -10.97 22.79 -21.36
CA ASP A 137 -10.63 22.22 -22.66
C ASP A 137 -9.74 20.98 -22.43
N ASP A 138 -9.39 20.26 -23.50
CA ASP A 138 -8.38 19.19 -23.41
C ASP A 138 -6.96 19.70 -23.19
N GLU A 139 -6.77 21.02 -23.35
CA GLU A 139 -5.48 21.63 -23.17
C GLU A 139 -5.64 22.93 -22.39
N PHE A 140 -4.63 23.22 -21.58
CA PHE A 140 -4.65 24.35 -20.67
C PHE A 140 -3.21 24.62 -20.33
N THR A 141 -2.86 25.88 -20.03
N THR A 141 -2.91 25.85 -19.93
CA THR A 141 -1.53 26.14 -19.51
CA THR A 141 -1.57 26.17 -19.53
C THR A 141 -1.56 26.79 -18.14
C THR A 141 -1.55 26.82 -18.15
N LEU A 142 -0.56 26.41 -17.36
CA LEU A 142 -0.31 27.00 -16.08
C LEU A 142 0.99 27.79 -16.14
N GLY A 143 1.03 28.91 -15.42
CA GLY A 143 2.23 29.71 -15.35
C GLY A 143 2.48 30.37 -16.67
N ASN A 144 1.39 30.73 -17.34
CA ASN A 144 1.46 31.46 -18.60
C ASN A 144 2.42 30.88 -19.62
N GLY A 145 2.33 29.57 -19.83
CA GLY A 145 3.18 28.93 -20.82
C GLY A 145 4.13 27.94 -20.22
N LEU A 146 4.45 28.11 -18.94
CA LEU A 146 5.44 27.27 -18.27
C LEU A 146 5.09 25.77 -18.25
N ILE A 147 3.84 25.47 -18.01
CA ILE A 147 3.38 24.08 -17.93
C ILE A 147 2.21 23.92 -18.87
N GLU A 148 2.33 23.02 -19.83
CA GLU A 148 1.25 22.66 -20.73
C GLU A 148 0.55 21.39 -20.24
N LEU A 149 -0.76 21.46 -20.04
CA LEU A 149 -1.54 20.33 -19.60
C LEU A 149 -2.33 19.74 -20.80
N TYR A 150 -2.42 18.41 -20.85
CA TYR A 150 -3.10 17.76 -21.95
C TYR A 150 -3.91 16.57 -21.42
N TYR A 151 -5.17 16.50 -21.88
CA TYR A 151 -6.02 15.32 -21.64
C TYR A 151 -5.96 14.39 -22.84
N PRO A 152 -5.29 13.22 -22.70
CA PRO A 152 -5.13 12.34 -23.87
C PRO A 152 -6.19 11.25 -23.96
N GLY A 153 -7.07 11.15 -22.96
CA GLY A 153 -8.09 10.11 -22.95
C GLY A 153 -7.87 9.22 -21.75
N ALA A 154 -8.75 8.25 -21.61
CA ALA A 154 -8.78 7.42 -20.41
C ALA A 154 -7.65 6.42 -20.42
N GLY A 155 -7.18 6.05 -19.24
CA GLY A 155 -6.22 4.98 -19.10
C GLY A 155 -6.20 4.50 -17.68
N HIS A 156 -5.28 5.06 -16.89
CA HIS A 156 -5.23 4.76 -15.49
C HIS A 156 -6.56 5.11 -14.81
N THR A 157 -7.11 6.25 -15.20
CA THR A 157 -8.45 6.65 -14.81
C THR A 157 -9.10 7.30 -16.02
N GLU A 158 -10.39 7.59 -15.89
CA GLU A 158 -11.13 8.28 -16.93
C GLU A 158 -10.67 9.71 -17.12
N ASP A 159 -10.03 10.30 -16.08
CA ASP A 159 -9.71 11.72 -16.09
C ASP A 159 -8.21 12.08 -16.16
N ASN A 160 -7.33 11.10 -16.20
CA ASN A 160 -5.94 11.42 -16.11
C ASN A 160 -5.44 12.39 -17.19
N ILE A 161 -4.70 13.39 -16.77
CA ILE A 161 -4.01 14.31 -17.65
C ILE A 161 -2.50 14.23 -17.50
N VAL A 162 -1.78 14.80 -18.45
CA VAL A 162 -0.32 14.87 -18.40
C VAL A 162 0.11 16.32 -18.46
N ALA A 163 1.37 16.58 -18.07
CA ALA A 163 1.92 17.90 -18.11
C ALA A 163 3.21 17.86 -18.89
N TRP A 164 3.34 18.78 -19.84
CA TRP A 164 4.53 18.96 -20.65
C TRP A 164 5.21 20.26 -20.25
N LEU A 165 6.50 20.13 -19.97
CA LEU A 165 7.33 21.26 -19.58
C LEU A 165 8.24 21.62 -20.76
N PRO A 166 7.85 22.63 -21.58
CA PRO A 166 8.64 22.85 -22.80
C PRO A 166 10.11 23.25 -22.62
N LYS A 167 10.47 23.92 -21.54
CA LYS A 167 11.86 24.34 -21.40
C LYS A 167 12.79 23.17 -21.01
N SER A 168 12.41 22.41 -20.00
CA SER A 168 13.20 21.26 -19.54
C SER A 168 13.02 19.99 -20.38
N LYS A 169 12.06 20.02 -21.30
CA LYS A 169 11.70 18.88 -22.15
C LYS A 169 11.31 17.64 -21.29
N ILE A 170 10.57 17.92 -20.23
CA ILE A 170 10.06 16.89 -19.32
C ILE A 170 8.58 16.70 -19.51
N LEU A 171 8.18 15.46 -19.77
CA LEU A 171 6.78 15.07 -19.70
C LEU A 171 6.52 14.44 -18.37
N PHE A 172 5.62 15.03 -17.60
CA PHE A 172 5.11 14.40 -16.39
C PHE A 172 3.88 13.55 -16.73
N GLY A 173 4.05 12.24 -16.70
CA GLY A 173 2.99 11.35 -17.13
C GLY A 173 2.04 10.92 -16.05
N GLY A 174 2.40 11.14 -14.77
CA GLY A 174 1.64 10.66 -13.64
C GLY A 174 1.39 9.16 -13.75
N OCS A 175 0.20 8.70 -13.32
CA OCS A 175 -0.01 7.24 -13.34
CB OCS A 175 -1.03 6.84 -12.37
SG OCS A 175 -0.62 7.21 -10.74
C OCS A 175 -0.49 6.67 -14.63
O OCS A 175 -0.75 5.44 -14.68
OD1 OCS A 175 -0.13 8.54 -10.76
OD2 OCS A 175 -1.87 7.17 -10.05
OD3 OCS A 175 0.19 6.15 -10.33
HA OCS A 175 0.84 6.80 -13.11
HB2 OCS A 175 -1.86 7.30 -12.57
HB3 OCS A 175 -1.16 5.88 -12.43
N LEU A 176 -0.64 7.50 -15.65
CA LEU A 176 -0.97 7.06 -16.98
C LEU A 176 0.27 6.41 -17.62
N VAL A 177 1.45 6.64 -17.07
CA VAL A 177 2.66 6.00 -17.57
C VAL A 177 3.21 5.15 -16.42
N ARG A 178 3.90 4.07 -16.79
CA ARG A 178 4.57 3.20 -15.85
C ARG A 178 6.07 3.23 -16.05
N SER A 179 6.78 3.23 -14.95
CA SER A 179 8.22 3.14 -14.94
C SER A 179 8.75 1.88 -15.65
N HIS A 180 10.01 1.92 -16.09
CA HIS A 180 10.63 0.74 -16.67
C HIS A 180 10.57 -0.49 -15.82
N GLU A 181 10.74 -0.30 -14.52
CA GLU A 181 10.83 -1.41 -13.63
C GLU A 181 9.45 -1.96 -13.26
N ALA A 182 8.38 -1.26 -13.65
CA ALA A 182 7.00 -1.74 -13.44
C ALA A 182 6.63 -2.77 -14.48
N GLU A 183 6.17 -3.93 -14.01
CA GLU A 183 5.80 -5.04 -14.87
C GLU A 183 4.31 -5.14 -15.13
N GLY A 184 3.54 -4.25 -14.51
CA GLY A 184 2.10 -4.22 -14.63
C GLY A 184 1.62 -2.79 -14.60
N LEU A 185 0.30 -2.62 -14.71
CA LEU A 185 -0.33 -1.29 -14.86
C LEU A 185 -0.64 -0.59 -13.55
N GLY A 186 -0.39 -1.27 -12.43
CA GLY A 186 -0.65 -0.66 -11.13
C GLY A 186 -2.09 -0.89 -10.70
N TYR A 187 -2.66 0.07 -9.97
CA TYR A 187 -4.04 -0.06 -9.52
C TYR A 187 -4.95 0.25 -10.67
N VAL A 188 -5.75 -0.74 -11.07
CA VAL A 188 -6.59 -0.62 -12.24
C VAL A 188 -8.09 -0.67 -11.93
N GLY A 189 -8.47 -0.48 -10.65
CA GLY A 189 -9.88 -0.50 -10.30
C GLY A 189 -10.72 0.56 -10.98
N ASP A 190 -10.08 1.67 -11.36
CA ASP A 190 -10.75 2.78 -12.02
C ASP A 190 -10.27 2.98 -13.47
N ALA A 191 -9.56 1.99 -13.98
CA ALA A 191 -8.93 2.09 -15.27
C ALA A 191 -9.87 1.74 -16.41
N SER A 192 -9.53 2.28 -17.58
CA SER A 192 -10.06 1.89 -18.89
C SER A 192 -8.95 1.20 -19.70
N ILE A 193 -8.70 -0.06 -19.42
CA ILE A 193 -7.51 -0.72 -19.96
C ILE A 193 -7.52 -0.76 -21.49
N SER A 194 -8.69 -0.99 -22.07
CA SER A 194 -8.80 -1.15 -23.53
C SER A 194 -8.62 0.19 -24.28
N SER A 195 -8.63 1.30 -23.53
CA SER A 195 -8.46 2.66 -24.10
C SER A 195 -7.05 3.20 -23.89
N TRP A 196 -6.31 2.53 -23.03
CA TRP A 196 -5.11 3.11 -22.44
C TRP A 196 -4.02 3.29 -23.52
N ALA A 197 -3.82 2.25 -24.34
CA ALA A 197 -2.80 2.32 -25.38
C ALA A 197 -3.10 3.46 -26.34
N ASP A 198 -4.36 3.62 -26.69
CA ASP A 198 -4.73 4.73 -27.57
C ASP A 198 -4.44 6.08 -26.91
N SER A 199 -4.71 6.21 -25.63
CA SER A 199 -4.42 7.47 -24.95
C SER A 199 -2.90 7.78 -24.93
N ILE A 200 -2.05 6.77 -24.76
CA ILE A 200 -0.60 7.02 -24.86
C ILE A 200 -0.23 7.44 -26.28
N LYS A 201 -0.79 6.77 -27.28
CA LYS A 201 -0.57 7.16 -28.68
C LYS A 201 -0.98 8.61 -28.92
N ASN A 202 -2.01 9.07 -28.23
CA ASN A 202 -2.41 10.47 -28.39
C ASN A 202 -1.30 11.38 -27.87
N ILE A 203 -0.67 10.99 -26.77
CA ILE A 203 0.48 11.79 -26.25
C ILE A 203 1.61 11.80 -27.29
N VAL A 204 1.94 10.65 -27.86
CA VAL A 204 2.99 10.56 -28.86
C VAL A 204 2.68 11.44 -30.06
N SER A 205 1.40 11.50 -30.44
CA SER A 205 1.00 12.32 -31.57
C SER A 205 1.31 13.83 -31.42
N LYS A 206 1.47 14.29 -30.18
CA LYS A 206 1.79 15.69 -29.88
C LYS A 206 3.19 16.10 -30.34
N LYS A 207 4.04 15.11 -30.61
CA LYS A 207 5.40 15.37 -31.08
C LYS A 207 6.15 16.30 -30.14
N TYR A 208 5.95 16.11 -28.84
CA TYR A 208 6.78 16.78 -27.83
C TYR A 208 8.20 16.23 -27.97
N PRO A 209 9.22 17.10 -27.96
CA PRO A 209 10.60 16.61 -27.98
C PRO A 209 11.03 16.14 -26.60
N ILE A 210 10.46 15.02 -26.18
CA ILE A 210 10.60 14.54 -24.81
C ILE A 210 11.99 14.04 -24.54
N GLN A 211 12.64 14.51 -23.48
CA GLN A 211 13.91 13.89 -23.13
C GLN A 211 13.87 13.18 -21.78
N MET A 212 12.82 13.43 -21.01
CA MET A 212 12.58 12.74 -19.76
CA MET A 212 12.58 12.74 -19.75
C MET A 212 11.08 12.55 -19.55
N VAL A 213 10.68 11.36 -19.12
CA VAL A 213 9.31 11.09 -18.71
C VAL A 213 9.34 10.77 -17.24
N VAL A 214 8.55 11.51 -16.49
CA VAL A 214 8.42 11.29 -15.04
C VAL A 214 7.11 10.52 -14.79
N PRO A 215 7.25 9.31 -14.25
CA PRO A 215 6.06 8.57 -13.88
C PRO A 215 5.55 8.96 -12.50
N GLY A 216 4.27 8.68 -12.26
CA GLY A 216 3.72 8.86 -10.94
C GLY A 216 4.35 8.03 -9.82
N HIS A 217 4.94 6.88 -10.17
CA HIS A 217 5.60 6.02 -9.24
C HIS A 217 6.83 5.44 -9.97
N GLY A 218 7.94 5.42 -9.27
CA GLY A 218 9.15 4.79 -9.75
C GLY A 218 10.07 5.78 -10.42
N LYS A 219 11.05 5.26 -11.14
CA LYS A 219 12.14 6.10 -11.56
C LYS A 219 11.88 6.81 -12.87
N VAL A 220 12.44 8.00 -12.96
CA VAL A 220 12.36 8.80 -14.17
C VAL A 220 13.08 8.06 -15.29
N GLY A 221 12.59 8.17 -16.53
CA GLY A 221 13.23 7.44 -17.62
C GLY A 221 13.14 8.28 -18.88
N SER A 222 13.37 7.69 -20.04
CA SER A 222 13.31 8.45 -21.28
C SER A 222 11.94 8.28 -21.93
N SER A 223 11.82 8.68 -23.18
CA SER A 223 10.56 8.56 -23.89
C SER A 223 10.15 7.11 -24.09
N ASP A 224 11.08 6.17 -23.92
CA ASP A 224 10.77 4.76 -24.12
C ASP A 224 9.81 4.29 -23.00
N ILE A 225 9.60 5.08 -21.95
CA ILE A 225 8.60 4.74 -20.96
C ILE A 225 7.19 4.70 -21.61
N LEU A 226 6.96 5.55 -22.61
CA LEU A 226 5.67 5.54 -23.31
C LEU A 226 5.43 4.23 -24.04
N ASP A 227 6.46 3.72 -24.72
CA ASP A 227 6.34 2.47 -25.46
C ASP A 227 6.13 1.32 -24.46
N HIS A 228 6.84 1.39 -23.34
CA HIS A 228 6.70 0.38 -22.30
C HIS A 228 5.27 0.30 -21.81
N THR A 229 4.68 1.47 -21.63
CA THR A 229 3.36 1.58 -21.07
C THR A 229 2.36 1.00 -22.07
N ILE A 230 2.56 1.34 -23.34
CA ILE A 230 1.74 0.75 -24.40
C ILE A 230 1.81 -0.76 -24.35
N ASP A 231 3.03 -1.31 -24.20
CA ASP A 231 3.15 -2.76 -24.13
C ASP A 231 2.29 -3.36 -23.01
N LEU A 232 2.36 -2.76 -21.81
CA LEU A 232 1.63 -3.24 -20.64
C LEU A 232 0.13 -3.16 -20.88
N ALA A 233 -0.29 -2.06 -21.49
CA ALA A 233 -1.71 -1.82 -21.74
C ALA A 233 -2.24 -2.85 -22.75
N GLU A 234 -1.47 -3.12 -23.80
CA GLU A 234 -1.93 -4.02 -24.86
C GLU A 234 -1.98 -5.48 -24.40
N SER A 235 -0.98 -5.86 -23.62
CA SER A 235 -0.93 -7.13 -22.93
C SER A 235 -2.14 -7.39 -22.03
N ALA A 236 -2.41 -6.43 -21.13
CA ALA A 236 -3.55 -6.49 -20.22
C ALA A 236 -4.86 -6.58 -21.00
N SER A 237 -4.98 -5.74 -22.03
CA SER A 237 -6.16 -5.71 -22.88
C SER A 237 -6.42 -7.08 -23.49
N ASN A 238 -5.34 -7.85 -23.67
CA ASN A 238 -5.32 -9.23 -24.17
C ASN A 238 -5.31 -9.19 -25.68
N LYS B 22 -12.55 -3.96 -2.52
CA LYS B 22 -12.84 -5.37 -2.82
C LYS B 22 -13.13 -6.15 -1.54
N PRO B 23 -14.16 -7.00 -1.54
CA PRO B 23 -14.60 -7.61 -0.27
C PRO B 23 -13.92 -8.92 0.10
N LEU B 24 -13.99 -9.24 1.39
CA LEU B 24 -13.42 -10.45 1.98
C LEU B 24 -13.73 -11.73 1.21
N GLU B 25 -12.73 -12.61 1.17
CA GLU B 25 -12.92 -13.96 0.68
C GLU B 25 -12.54 -14.98 1.73
N VAL B 26 -13.38 -16.00 1.90
CA VAL B 26 -13.10 -17.07 2.85
C VAL B 26 -13.21 -18.40 2.14
N ILE B 27 -12.17 -19.21 2.24
CA ILE B 27 -12.17 -20.52 1.58
C ILE B 27 -11.55 -21.63 2.44
N LYS B 28 -12.14 -22.81 2.37
CA LYS B 28 -11.65 -23.95 3.15
C LYS B 28 -10.30 -24.39 2.66
N ILE B 29 -9.34 -24.56 3.57
CA ILE B 29 -8.04 -25.11 3.20
C ILE B 29 -7.77 -26.44 3.92
N GLU B 30 -8.65 -26.81 4.85
CA GLU B 30 -8.69 -28.17 5.40
C GLU B 30 -9.98 -28.35 6.20
N ASP B 31 -10.28 -29.56 6.64
CA ASP B 31 -11.43 -29.73 7.52
C ASP B 31 -11.17 -28.90 8.78
N GLY B 32 -12.11 -28.00 9.05
CA GLY B 32 -12.04 -27.16 10.23
C GLY B 32 -11.16 -25.93 10.07
N VAL B 33 -10.50 -25.77 8.94
CA VAL B 33 -9.60 -24.61 8.75
C VAL B 33 -9.95 -23.82 7.49
N TYR B 34 -10.14 -22.51 7.67
CA TYR B 34 -10.54 -21.64 6.59
C TYR B 34 -9.52 -20.52 6.46
N LEU B 35 -9.20 -20.19 5.21
CA LEU B 35 -8.32 -19.07 4.90
C LEU B 35 -9.18 -17.83 4.67
N HIS B 36 -8.95 -16.74 5.40
CA HIS B 36 -9.62 -15.52 5.00
C HIS B 36 -8.57 -14.58 4.42
N THR B 37 -8.94 -14.00 3.29
CA THR B 37 -8.08 -13.10 2.56
C THR B 37 -8.83 -11.80 2.35
N SER B 38 -8.24 -10.68 2.78
CA SER B 38 -8.81 -9.37 2.53
C SER B 38 -7.84 -8.54 1.67
N PHE B 39 -8.35 -7.49 1.04
CA PHE B 39 -7.62 -6.78 0.00
C PHE B 39 -7.50 -5.27 0.26
N LYS B 40 -6.35 -4.70 -0.10
CA LYS B 40 -6.16 -3.24 -0.10
C LYS B 40 -5.74 -2.80 -1.48
N ASN B 41 -6.23 -1.63 -1.87
CA ASN B 41 -5.91 -0.99 -3.14
C ASN B 41 -4.78 0.03 -2.94
N ILE B 42 -3.58 -0.36 -3.39
CA ILE B 42 -2.38 0.47 -3.26
C ILE B 42 -2.10 1.25 -4.55
N GLU B 43 -2.11 2.59 -4.43
CA GLU B 43 -2.39 3.46 -5.54
C GLU B 43 -1.14 3.90 -6.30
N GLY B 44 -0.31 2.91 -6.59
CA GLY B 44 0.66 2.98 -7.68
C GLY B 44 1.21 1.58 -8.03
N TYR B 45 0.61 0.56 -7.40
CA TYR B 45 1.15 -0.79 -7.38
C TYR B 45 0.07 -1.83 -7.78
N GLY B 46 -1.09 -1.74 -7.13
CA GLY B 46 -2.21 -2.65 -7.40
C GLY B 46 -2.84 -3.17 -6.13
N LEU B 47 -3.42 -4.36 -6.24
CA LEU B 47 -4.08 -4.97 -5.09
C LEU B 47 -3.10 -5.72 -4.22
N VAL B 48 -3.21 -5.51 -2.91
CA VAL B 48 -2.43 -6.30 -1.95
C VAL B 48 -3.37 -7.14 -1.08
N ASP B 49 -3.07 -8.43 -0.98
CA ASP B 49 -3.86 -9.37 -0.20
C ASP B 49 -3.21 -9.58 1.14
N SER B 50 -4.02 -9.87 2.15
CA SER B 50 -3.54 -10.21 3.48
C SER B 50 -4.30 -11.46 3.98
N ASN B 51 -3.61 -12.44 4.57
CA ASN B 51 -4.24 -13.69 5.02
C ASN B 51 -4.39 -13.82 6.52
N GLY B 52 -5.47 -14.49 6.92
CA GLY B 52 -5.64 -14.99 8.29
C GLY B 52 -6.46 -16.29 8.23
N LEU B 53 -6.74 -16.88 9.39
CA LEU B 53 -7.42 -18.15 9.44
C LEU B 53 -8.63 -18.11 10.37
N VAL B 54 -9.62 -18.94 10.05
CA VAL B 54 -10.64 -19.29 11.03
C VAL B 54 -10.44 -20.79 11.32
N VAL B 55 -10.36 -21.14 12.60
CA VAL B 55 -10.10 -22.53 12.98
C VAL B 55 -11.26 -23.02 13.81
N LEU B 56 -11.87 -24.15 13.39
CA LEU B 56 -13.07 -24.64 14.06
C LEU B 56 -12.75 -25.79 14.98
N ASP B 57 -13.32 -25.76 16.19
CA ASP B 57 -13.45 -26.95 17.03
C ASP B 57 -14.95 -27.18 17.21
N ASN B 58 -15.47 -28.19 16.52
CA ASN B 58 -16.90 -28.35 16.33
C ASN B 58 -17.51 -27.05 15.79
N ASN B 59 -18.40 -26.40 16.54
CA ASN B 59 -18.99 -25.14 16.09
C ASN B 59 -18.37 -23.94 16.80
N GLN B 60 -17.27 -24.19 17.50
CA GLN B 60 -16.53 -23.12 18.17
C GLN B 60 -15.38 -22.65 17.30
N ALA B 61 -15.35 -21.35 17.01
CA ALA B 61 -14.45 -20.80 16.00
C ALA B 61 -13.42 -19.91 16.66
N TYR B 62 -12.18 -19.98 16.19
CA TYR B 62 -11.10 -19.09 16.63
C TYR B 62 -10.51 -18.36 15.42
N ILE B 63 -10.24 -17.07 15.56
CA ILE B 63 -9.74 -16.27 14.44
C ILE B 63 -8.26 -16.00 14.69
N ILE B 64 -7.43 -16.30 13.69
CA ILE B 64 -6.01 -16.04 13.72
C ILE B 64 -5.75 -14.89 12.77
N ASP B 65 -5.38 -13.77 13.36
CA ASP B 65 -5.37 -12.47 12.71
C ASP B 65 -6.72 -12.13 12.07
N THR B 66 -7.13 -10.88 12.23
CA THR B 66 -8.31 -10.36 11.56
C THR B 66 -7.98 -9.59 10.28
N PRO B 67 -8.96 -9.46 9.38
CA PRO B 67 -8.83 -8.57 8.24
C PRO B 67 -8.35 -7.16 8.68
N TRP B 68 -7.56 -6.49 7.84
CA TRP B 68 -6.91 -5.24 8.25
C TRP B 68 -7.89 -4.11 8.41
N SER B 69 -9.11 -4.35 7.95
CA SER B 69 -10.19 -3.38 8.04
C SER B 69 -11.15 -3.80 9.13
N GLU B 70 -11.77 -2.83 9.79
CA GLU B 70 -12.82 -3.18 10.73
C GLU B 70 -14.02 -3.67 9.93
N GLU B 71 -14.19 -3.15 8.72
CA GLU B 71 -15.36 -3.51 7.91
C GLU B 71 -15.27 -4.94 7.38
N ASP B 72 -14.05 -5.42 7.10
CA ASP B 72 -13.85 -6.82 6.70
C ASP B 72 -13.95 -7.79 7.90
N THR B 73 -13.53 -7.33 9.08
CA THR B 73 -13.66 -8.15 10.27
C THR B 73 -15.15 -8.36 10.52
N LYS B 74 -15.94 -7.30 10.35
CA LYS B 74 -17.40 -7.39 10.48
C LYS B 74 -17.94 -8.50 9.61
N LEU B 75 -17.45 -8.55 8.38
CA LEU B 75 -17.91 -9.58 7.44
C LEU B 75 -17.44 -10.98 7.83
N LEU B 76 -16.26 -11.07 8.46
CA LEU B 76 -15.74 -12.36 8.88
C LEU B 76 -16.56 -12.87 10.07
N LEU B 77 -16.97 -11.96 10.95
CA LEU B 77 -17.80 -12.35 12.08
C LEU B 77 -19.16 -12.81 11.56
N SER B 78 -19.65 -12.13 10.51
CA SER B 78 -20.96 -12.45 9.93
C SER B 78 -20.92 -13.79 9.23
N TRP B 79 -19.81 -14.06 8.59
CA TRP B 79 -19.55 -15.34 7.96
C TRP B 79 -19.65 -16.47 9.00
N ALA B 80 -18.99 -16.27 10.14
CA ALA B 80 -19.01 -17.26 11.23
C ALA B 80 -20.39 -17.49 11.88
N THR B 81 -21.12 -16.42 12.17
CA THR B 81 -22.38 -16.53 12.90
C THR B 81 -23.53 -16.89 11.99
N ASP B 82 -23.41 -16.61 10.71
CA ASP B 82 -24.42 -17.03 9.75
C ASP B 82 -24.35 -18.54 9.57
N ARG B 83 -23.16 -19.10 9.73
CA ARG B 83 -22.97 -20.55 9.75
C ARG B 83 -23.25 -21.15 11.13
N GLY B 84 -23.63 -20.28 12.08
CA GLY B 84 -24.01 -20.71 13.41
C GLY B 84 -22.84 -21.02 14.32
N TYR B 85 -21.65 -20.55 13.96
CA TYR B 85 -20.47 -20.74 14.80
C TYR B 85 -20.47 -19.70 15.90
N GLN B 86 -19.93 -20.10 17.05
CA GLN B 86 -19.66 -19.17 18.12
C GLN B 86 -18.20 -18.74 18.06
N VAL B 87 -17.98 -17.43 17.92
CA VAL B 87 -16.64 -16.92 17.87
C VAL B 87 -16.07 -16.83 19.27
N MET B 88 -15.12 -17.69 19.55
CA MET B 88 -14.59 -17.84 20.90
C MET B 88 -13.50 -16.84 21.20
N ALA B 89 -12.58 -16.63 20.26
CA ALA B 89 -11.47 -15.74 20.51
C ALA B 89 -10.80 -15.37 19.25
N SER B 90 -10.03 -14.27 19.28
CA SER B 90 -9.09 -13.98 18.21
C SER B 90 -7.72 -13.94 18.82
N ILE B 91 -6.73 -14.23 17.98
CA ILE B 91 -5.33 -14.09 18.31
C ILE B 91 -4.72 -13.17 17.26
N SER B 92 -3.91 -12.23 17.72
CA SER B 92 -3.17 -11.36 16.78
C SER B 92 -1.68 -11.63 16.88
N THR B 93 -1.01 -11.72 15.73
CA THR B 93 0.38 -12.14 15.69
C THR B 93 1.38 -11.01 15.99
N HIS B 94 0.94 -9.76 15.90
CA HIS B 94 1.80 -8.61 16.25
C HIS B 94 0.98 -7.33 16.31
N SER B 95 1.64 -6.22 16.62
CA SER B 95 0.98 -4.98 16.99
C SER B 95 0.74 -4.01 15.82
N HIS B 96 1.16 -4.39 14.62
CA HIS B 96 0.99 -3.51 13.46
C HIS B 96 -0.47 -3.13 13.23
N GLU B 97 -0.65 -1.90 12.74
CA GLU B 97 -1.96 -1.29 12.51
C GLU B 97 -3.00 -2.22 11.91
N ASP B 98 -2.53 -3.13 11.08
CA ASP B 98 -3.43 -3.92 10.27
C ASP B 98 -4.18 -4.95 11.05
N ARG B 99 -3.46 -5.79 11.81
CA ARG B 99 -4.05 -7.03 12.29
C ARG B 99 -4.71 -6.82 13.65
N THR B 100 -4.91 -5.55 13.94
CA THR B 100 -5.45 -5.08 15.19
C THR B 100 -6.53 -4.09 14.82
N ALA B 101 -7.31 -3.61 15.79
CA ALA B 101 -8.52 -2.86 15.47
C ALA B 101 -9.45 -3.61 14.51
N GLY B 102 -9.23 -4.91 14.33
CA GLY B 102 -10.29 -5.89 14.43
C GLY B 102 -10.35 -6.22 15.91
N ILE B 103 -9.27 -5.92 16.64
CA ILE B 103 -9.25 -6.07 18.09
C ILE B 103 -10.33 -5.18 18.71
N LYS B 104 -10.38 -3.94 18.21
CA LYS B 104 -11.35 -2.97 18.68
C LYS B 104 -12.78 -3.53 18.54
N LEU B 105 -13.06 -4.10 17.37
CA LEU B 105 -14.41 -4.59 17.04
C LEU B 105 -14.80 -5.78 17.93
N LEU B 106 -13.91 -6.76 18.04
CA LEU B 106 -14.19 -7.95 18.85
C LEU B 106 -14.36 -7.61 20.34
N ASN B 107 -13.49 -6.73 20.84
CA ASN B 107 -13.60 -6.22 22.20
C ASN B 107 -15.02 -5.68 22.45
N SER B 108 -15.55 -4.97 21.46
CA SER B 108 -16.86 -4.36 21.58
C SER B 108 -18.00 -5.38 21.58
N LYS B 109 -17.73 -6.59 21.08
CA LYS B 109 -18.76 -7.63 21.06
C LYS B 109 -18.51 -8.65 22.17
N SER B 110 -17.63 -8.28 23.10
CA SER B 110 -17.22 -9.15 24.20
C SER B 110 -16.65 -10.49 23.74
N ILE B 111 -15.95 -10.50 22.60
CA ILE B 111 -15.22 -11.67 22.15
C ILE B 111 -13.76 -11.56 22.61
N PRO B 112 -13.28 -12.52 23.41
CA PRO B 112 -11.90 -12.41 23.89
C PRO B 112 -10.90 -12.23 22.74
N THR B 113 -9.98 -11.28 22.95
CA THR B 113 -8.88 -11.00 22.03
C THR B 113 -7.57 -11.28 22.74
N TYR B 114 -6.73 -12.10 22.12
CA TYR B 114 -5.46 -12.50 22.69
C TYR B 114 -4.32 -11.95 21.89
N THR B 115 -3.24 -11.56 22.58
CA THR B 115 -1.91 -11.34 21.95
C THR B 115 -0.85 -11.78 22.95
N SER B 116 0.42 -11.71 22.60
CA SER B 116 1.44 -11.88 23.63
C SER B 116 1.37 -10.67 24.53
N GLU B 117 1.91 -10.79 25.74
CA GLU B 117 1.99 -9.66 26.63
C GLU B 117 2.77 -8.52 25.95
N LEU B 118 3.85 -8.85 25.26
CA LEU B 118 4.68 -7.84 24.60
C LEU B 118 3.89 -7.10 23.56
N THR B 119 3.19 -7.87 22.72
CA THR B 119 2.35 -7.27 21.71
C THR B 119 1.29 -6.36 22.35
N LYS B 120 0.70 -6.80 23.46
CA LYS B 120 -0.32 -6.02 24.15
C LYS B 120 0.24 -4.66 24.59
N LYS B 121 1.39 -4.67 25.25
CA LYS B 121 2.02 -3.43 25.71
C LYS B 121 2.47 -2.53 24.58
N LEU B 122 2.93 -3.13 23.49
CA LEU B 122 3.35 -2.36 22.33
C LEU B 122 2.15 -1.57 21.80
N LEU B 123 1.01 -2.24 21.70
CA LEU B 123 -0.22 -1.59 21.29
C LEU B 123 -0.56 -0.48 22.26
N ALA B 124 -0.51 -0.78 23.56
CA ALA B 124 -0.90 0.20 24.58
C ALA B 124 -0.01 1.43 24.56
N ARG B 125 1.29 1.21 24.37
CA ARG B 125 2.23 2.31 24.29
C ARG B 125 1.91 3.22 23.10
N GLU B 126 1.53 2.60 21.96
CA GLU B 126 1.19 3.37 20.76
C GLU B 126 -0.25 3.88 20.81
N GLY B 127 -0.88 3.81 21.98
CA GLY B 127 -2.26 4.25 22.14
C GLY B 127 -3.25 3.54 21.22
N LYS B 128 -2.94 2.31 20.82
CA LYS B 128 -3.87 1.53 20.01
C LYS B 128 -4.76 0.65 20.87
N PRO B 129 -5.85 0.15 20.29
CA PRO B 129 -6.70 -0.77 21.07
C PRO B 129 -5.93 -1.96 21.58
N VAL B 130 -6.16 -2.36 22.83
CA VAL B 130 -5.42 -3.48 23.42
C VAL B 130 -6.29 -4.72 23.57
N PRO B 131 -5.68 -5.90 23.45
CA PRO B 131 -6.43 -7.13 23.68
C PRO B 131 -6.83 -7.22 25.12
N THR B 132 -7.91 -7.94 25.37
CA THR B 132 -8.40 -8.18 26.72
C THR B 132 -7.65 -9.31 27.40
N HIS B 133 -7.05 -10.17 26.59
CA HIS B 133 -6.32 -11.32 27.07
C HIS B 133 -4.89 -11.35 26.52
N TYR B 134 -4.00 -11.98 27.25
CA TYR B 134 -2.61 -12.02 26.83
C TYR B 134 -1.87 -13.13 27.59
N PHE B 135 -0.81 -13.64 26.98
CA PHE B 135 -0.04 -14.74 27.57
C PHE B 135 1.38 -14.29 27.84
N LYS B 136 1.98 -14.79 28.91
CA LYS B 136 3.29 -14.27 29.36
C LYS B 136 4.53 -14.94 28.77
N ASP B 137 4.46 -16.24 28.55
CA ASP B 137 5.66 -17.00 28.24
C ASP B 137 5.93 -16.93 26.75
N ASP B 138 6.88 -17.71 26.25
CA ASP B 138 7.09 -17.75 24.80
C ASP B 138 6.15 -18.78 24.19
N GLU B 139 5.44 -19.53 25.05
CA GLU B 139 4.50 -20.56 24.58
CA GLU B 139 4.51 -20.56 24.58
C GLU B 139 3.13 -20.41 25.25
N PHE B 140 2.08 -20.61 24.46
CA PHE B 140 0.69 -20.58 24.97
C PHE B 140 -0.20 -21.48 24.11
N THR B 141 -1.14 -22.17 24.72
CA THR B 141 -2.07 -23.02 23.99
C THR B 141 -3.46 -22.47 24.17
N LEU B 142 -4.19 -22.37 23.06
CA LEU B 142 -5.53 -21.84 22.98
C LEU B 142 -6.48 -22.98 22.58
N GLY B 143 -7.68 -22.97 23.16
CA GLY B 143 -8.73 -23.90 22.77
C GLY B 143 -8.57 -25.37 23.10
N ASN B 144 -8.03 -25.68 24.27
CA ASN B 144 -7.81 -27.08 24.67
C ASN B 144 -6.97 -27.85 23.66
N GLY B 145 -5.79 -27.30 23.36
CA GLY B 145 -4.82 -28.00 22.52
C GLY B 145 -4.95 -27.74 21.03
N LEU B 146 -5.89 -26.89 20.65
CA LEU B 146 -6.19 -26.64 19.25
C LEU B 146 -5.15 -25.77 18.55
N ILE B 147 -4.77 -24.69 19.23
CA ILE B 147 -3.84 -23.71 18.69
C ILE B 147 -2.67 -23.52 19.64
N GLU B 148 -1.46 -23.72 19.15
CA GLU B 148 -0.24 -23.50 19.93
C GLU B 148 0.50 -22.27 19.44
N LEU B 149 0.65 -21.31 20.34
CA LEU B 149 1.31 -20.04 20.00
C LEU B 149 2.73 -20.05 20.49
N TYR B 150 3.62 -19.46 19.70
CA TYR B 150 5.03 -19.46 20.05
C TYR B 150 5.70 -18.19 19.60
N TYR B 151 6.50 -17.62 20.50
CA TYR B 151 7.32 -16.46 20.16
C TYR B 151 8.76 -16.87 19.90
N PRO B 152 9.21 -16.81 18.62
CA PRO B 152 10.50 -17.35 18.18
C PRO B 152 11.63 -16.34 18.20
N GLY B 153 11.31 -15.08 18.44
CA GLY B 153 12.30 -14.02 18.38
C GLY B 153 11.86 -12.96 17.40
N ALA B 154 12.65 -11.89 17.33
CA ALA B 154 12.35 -10.79 16.45
C ALA B 154 12.56 -11.20 14.98
N GLY B 155 11.76 -10.63 14.09
CA GLY B 155 11.95 -10.84 12.65
C GLY B 155 11.27 -9.75 11.84
N HIS B 156 10.09 -10.04 11.27
CA HIS B 156 9.25 -9.01 10.63
C HIS B 156 9.04 -7.88 11.61
N THR B 157 8.85 -8.24 12.88
CA THR B 157 8.77 -7.28 13.97
C THR B 157 9.42 -7.85 15.23
N GLU B 158 9.57 -7.00 16.25
CA GLU B 158 10.20 -7.40 17.49
C GLU B 158 9.39 -8.42 18.27
N ASP B 159 8.08 -8.39 18.04
CA ASP B 159 7.11 -9.15 18.83
C ASP B 159 6.42 -10.27 18.10
N ASN B 160 6.72 -10.48 16.82
CA ASN B 160 5.92 -11.41 16.03
C ASN B 160 5.85 -12.80 16.59
N ILE B 161 4.62 -13.32 16.69
CA ILE B 161 4.41 -14.72 17.06
C ILE B 161 3.84 -15.54 15.90
N VAL B 162 3.92 -16.86 16.02
CA VAL B 162 3.36 -17.81 15.06
C VAL B 162 2.37 -18.72 15.77
N ALA B 163 1.51 -19.38 14.99
CA ALA B 163 0.50 -20.29 15.53
C ALA B 163 0.62 -21.63 14.82
N TRP B 164 0.76 -22.66 15.64
CA TRP B 164 0.84 -24.01 15.15
C TRP B 164 -0.48 -24.73 15.42
N LEU B 165 -0.96 -25.46 14.41
CA LEU B 165 -2.21 -26.21 14.52
C LEU B 165 -1.92 -27.72 14.54
N PRO B 166 -1.88 -28.33 15.75
CA PRO B 166 -1.50 -29.75 15.78
C PRO B 166 -2.36 -30.68 14.92
N LYS B 167 -3.65 -30.40 14.76
CA LYS B 167 -4.55 -31.32 14.05
C LYS B 167 -4.29 -31.34 12.57
N SER B 168 -4.34 -30.15 11.97
CA SER B 168 -4.17 -29.98 10.54
C SER B 168 -2.71 -29.89 10.12
N LYS B 169 -1.82 -29.76 11.11
CA LYS B 169 -0.38 -29.68 10.88
C LYS B 169 -0.05 -28.46 10.02
N ILE B 170 -0.77 -27.37 10.29
CA ILE B 170 -0.55 -26.08 9.64
C ILE B 170 0.14 -25.11 10.58
N LEU B 171 1.15 -24.42 10.07
CA LEU B 171 1.78 -23.32 10.78
C LEU B 171 1.31 -22.04 10.12
N PHE B 172 0.78 -21.13 10.93
CA PHE B 172 0.48 -19.79 10.48
C PHE B 172 1.68 -18.94 10.83
N GLY B 173 2.37 -18.43 9.81
CA GLY B 173 3.60 -17.69 10.04
C GLY B 173 3.38 -16.21 10.04
N GLY B 174 2.20 -15.79 9.61
CA GLY B 174 1.95 -14.37 9.44
C GLY B 174 3.05 -13.76 8.58
N OCS B 175 3.39 -12.52 8.86
CA OCS B 175 4.39 -11.82 8.03
CB OCS B 175 4.17 -10.32 8.04
SG OCS B 175 3.22 -9.81 6.59
C OCS B 175 5.82 -12.13 8.39
O OCS B 175 6.77 -11.60 7.78
OD1 OCS B 175 3.87 -10.27 5.37
OD2 OCS B 175 3.13 -8.38 6.55
OD3 OCS B 175 1.96 -10.40 6.80
HA OCS B 175 4.26 -12.12 7.11
HB2 OCS B 175 3.67 -10.07 8.83
HB3 OCS B 175 5.03 -9.87 8.02
N LEU B 176 6.00 -13.00 9.37
CA LEU B 176 7.31 -13.47 9.75
C LEU B 176 7.85 -14.39 8.67
N VAL B 177 6.92 -15.02 7.94
CA VAL B 177 7.30 -15.90 6.83
C VAL B 177 6.85 -15.29 5.50
N ARG B 178 7.61 -15.57 4.45
CA ARG B 178 7.28 -15.07 3.13
C ARG B 178 6.87 -16.21 2.22
N SER B 179 5.94 -15.92 1.33
CA SER B 179 5.43 -16.91 0.39
C SER B 179 6.59 -17.32 -0.55
N HIS B 180 6.46 -18.49 -1.16
CA HIS B 180 7.52 -18.99 -2.06
C HIS B 180 7.75 -17.98 -3.19
N GLU B 181 6.70 -17.24 -3.54
CA GLU B 181 6.72 -16.31 -4.65
C GLU B 181 7.37 -14.96 -4.31
N ALA B 182 7.30 -14.57 -3.04
CA ALA B 182 7.88 -13.31 -2.60
C ALA B 182 9.36 -13.23 -2.97
N GLU B 183 9.82 -12.06 -3.41
CA GLU B 183 11.24 -11.87 -3.74
C GLU B 183 11.97 -11.04 -2.67
N GLY B 184 11.22 -10.56 -1.67
CA GLY B 184 11.79 -9.68 -0.66
C GLY B 184 11.13 -9.95 0.67
N LEU B 185 11.54 -9.26 1.74
CA LEU B 185 10.95 -9.52 3.07
C LEU B 185 9.68 -8.73 3.33
N GLY B 186 9.25 -7.92 2.37
CA GLY B 186 8.04 -7.13 2.58
C GLY B 186 8.33 -5.85 3.33
N TYR B 187 7.38 -5.45 4.17
CA TYR B 187 7.53 -4.21 4.92
C TYR B 187 8.53 -4.41 6.05
N VAL B 188 9.70 -3.77 5.95
CA VAL B 188 10.79 -4.06 6.88
C VAL B 188 11.09 -2.91 7.84
N GLY B 189 10.15 -1.97 7.95
CA GLY B 189 10.36 -0.78 8.73
C GLY B 189 10.62 -1.06 10.20
N ASP B 190 9.95 -2.09 10.74
CA ASP B 190 10.10 -2.47 12.15
C ASP B 190 10.79 -3.82 12.33
N ALA B 191 11.40 -4.32 11.26
CA ALA B 191 12.07 -5.62 11.29
C ALA B 191 13.38 -5.63 12.09
N SER B 192 13.77 -6.82 12.55
CA SER B 192 15.14 -7.08 13.03
C SER B 192 15.73 -8.05 12.02
N ILE B 193 16.25 -7.50 10.93
CA ILE B 193 16.62 -8.33 9.79
C ILE B 193 17.76 -9.27 10.17
N SER B 194 18.66 -8.79 11.03
CA SER B 194 19.83 -9.56 11.40
C SER B 194 19.48 -10.58 12.47
N SER B 195 18.31 -10.42 13.09
CA SER B 195 17.77 -11.38 14.07
C SER B 195 16.84 -12.42 13.47
N TRP B 196 16.47 -12.24 12.18
CA TRP B 196 15.34 -12.93 11.55
C TRP B 196 15.62 -14.42 11.26
N ALA B 197 16.78 -14.71 10.70
CA ALA B 197 17.13 -16.09 10.40
C ALA B 197 17.19 -16.93 11.68
N ASP B 198 17.68 -16.31 12.76
CA ASP B 198 17.77 -16.95 14.08
C ASP B 198 16.38 -17.30 14.61
N SER B 199 15.40 -16.45 14.31
CA SER B 199 14.04 -16.68 14.80
C SER B 199 13.37 -17.81 14.01
N ILE B 200 13.60 -17.87 12.70
CA ILE B 200 13.04 -18.98 11.93
C ILE B 200 13.65 -20.26 12.43
N LYS B 201 14.95 -20.21 12.72
CA LYS B 201 15.65 -21.39 13.24
C LYS B 201 14.99 -21.89 14.52
N ASN B 202 14.59 -20.97 15.39
CA ASN B 202 13.91 -21.35 16.63
C ASN B 202 12.59 -22.05 16.34
N ILE B 203 11.94 -21.71 15.23
CA ILE B 203 10.72 -22.41 14.83
C ILE B 203 11.05 -23.84 14.40
N VAL B 204 12.03 -23.98 13.52
CA VAL B 204 12.52 -25.29 13.08
C VAL B 204 12.91 -26.16 14.28
N SER B 205 13.47 -25.52 15.30
CA SER B 205 13.96 -26.22 16.47
C SER B 205 12.83 -26.84 17.28
N LYS B 206 11.60 -26.38 17.04
CA LYS B 206 10.43 -26.97 17.71
C LYS B 206 10.10 -28.36 17.14
N LYS B 207 10.63 -28.66 15.95
CA LYS B 207 10.40 -29.96 15.30
C LYS B 207 8.91 -30.23 15.07
N TYR B 208 8.13 -29.20 14.77
CA TYR B 208 6.74 -29.42 14.38
C TYR B 208 6.66 -30.24 13.09
N PRO B 209 5.76 -31.25 13.04
CA PRO B 209 5.60 -31.99 11.78
C PRO B 209 4.82 -31.20 10.73
N ILE B 210 5.40 -30.10 10.26
CA ILE B 210 4.71 -29.15 9.39
C ILE B 210 4.31 -29.74 8.04
N GLN B 211 3.02 -29.69 7.74
CA GLN B 211 2.51 -30.07 6.43
C GLN B 211 2.36 -28.84 5.54
N MET B 212 1.91 -27.73 6.11
CA MET B 212 1.77 -26.47 5.37
C MET B 212 2.19 -25.30 6.21
N VAL B 213 2.66 -24.27 5.51
CA VAL B 213 2.84 -22.96 6.12
C VAL B 213 1.97 -21.91 5.41
N VAL B 214 1.21 -21.14 6.20
CA VAL B 214 0.39 -20.05 5.67
C VAL B 214 1.09 -18.70 5.92
N PRO B 215 1.54 -18.02 4.84
CA PRO B 215 2.13 -16.68 5.05
C PRO B 215 1.07 -15.63 5.26
N GLY B 216 1.45 -14.50 5.86
CA GLY B 216 0.54 -13.39 6.02
C GLY B 216 0.11 -12.82 4.68
N HIS B 217 0.95 -13.05 3.68
CA HIS B 217 0.68 -12.57 2.33
C HIS B 217 1.06 -13.59 1.30
N GLY B 218 0.15 -13.78 0.35
CA GLY B 218 0.46 -14.57 -0.82
C GLY B 218 -0.05 -15.97 -0.63
N LYS B 219 0.42 -16.87 -1.49
CA LYS B 219 -0.12 -18.22 -1.54
C LYS B 219 0.38 -19.10 -0.41
N VAL B 220 -0.49 -19.97 0.07
CA VAL B 220 -0.10 -20.99 1.03
C VAL B 220 0.85 -22.01 0.34
N GLY B 221 1.81 -22.51 1.10
CA GLY B 221 2.78 -23.48 0.59
C GLY B 221 3.25 -24.49 1.63
N SER B 222 4.42 -25.06 1.38
CA SER B 222 4.99 -26.13 2.20
C SER B 222 5.97 -25.57 3.21
N SER B 223 6.61 -26.47 3.96
CA SER B 223 7.58 -26.09 4.97
C SER B 223 8.83 -25.42 4.37
N ASP B 224 9.06 -25.63 3.07
CA ASP B 224 10.22 -25.01 2.43
C ASP B 224 10.10 -23.48 2.42
N ILE B 225 8.89 -22.97 2.62
CA ILE B 225 8.64 -21.53 2.78
C ILE B 225 9.54 -20.96 3.87
N LEU B 226 9.81 -21.77 4.89
CA LEU B 226 10.69 -21.36 6.00
C LEU B 226 12.14 -21.16 5.53
N ASP B 227 12.64 -22.14 4.78
CA ASP B 227 13.99 -22.06 4.23
C ASP B 227 14.13 -20.85 3.31
N HIS B 228 13.12 -20.65 2.46
CA HIS B 228 13.06 -19.50 1.57
C HIS B 228 13.18 -18.20 2.38
N THR B 229 12.44 -18.12 3.48
CA THR B 229 12.47 -16.93 4.32
C THR B 229 13.85 -16.67 4.92
N ILE B 230 14.52 -17.74 5.34
CA ILE B 230 15.88 -17.64 5.87
C ILE B 230 16.77 -17.06 4.79
N ASP B 231 16.56 -17.51 3.56
CA ASP B 231 17.41 -17.11 2.42
C ASP B 231 17.25 -15.64 2.08
N LEU B 232 16.03 -15.13 2.22
CA LEU B 232 15.77 -13.70 2.03
C LEU B 232 16.39 -12.90 3.17
N ALA B 233 16.28 -13.43 4.40
CA ALA B 233 16.79 -12.74 5.59
C ALA B 233 18.32 -12.65 5.67
N GLU B 234 18.99 -13.76 5.40
CA GLU B 234 20.46 -13.79 5.43
C GLU B 234 21.01 -12.92 4.33
N SER B 235 20.40 -13.03 3.15
CA SER B 235 20.77 -12.21 2.01
C SER B 235 20.68 -10.73 2.35
N ALA B 236 19.54 -10.32 2.88
CA ALA B 236 19.32 -8.96 3.34
C ALA B 236 20.37 -8.54 4.37
N SER B 237 20.57 -9.41 5.37
CA SER B 237 21.53 -9.17 6.46
C SER B 237 22.89 -8.65 5.93
N ASN B 238 23.22 -8.97 4.69
CA ASN B 238 24.40 -8.39 4.07
C ASN B 238 24.06 -7.11 3.30
ZN ZN C . -0.86 6.98 -8.81
ZN ZN D . -4.53 7.04 -9.56
ZN ZN E . 3.39 -6.40 10.19
#